data_6HGG
#
_entry.id   6HGG
#
_cell.length_a   70.019
_cell.length_b   77.110
_cell.length_c   79.211
_cell.angle_alpha   90.00
_cell.angle_beta   90.00
_cell.angle_gamma   90.00
#
_symmetry.space_group_name_H-M   'P 21 21 21'
#
loop_
_entity.id
_entity.type
_entity.pdbx_description
1 polymer Alpha-1-antichymotrypsin
2 polymer Alpha-1-antichymotrypsin
3 non-polymer (11alpha,14beta)-11,17,21-trihydroxypregn-4-ene-3,20-dione
4 non-polymer 1,2-ETHANEDIOL
5 water water
#
loop_
_entity_poly.entity_id
_entity_poly.type
_entity_poly.pdbx_seq_one_letter_code
_entity_poly.pdbx_strand_id
1 'polypeptide(L)'
;MKHHHHHHMKQNSPLDEENLTQENQDRGTHVDRGLASANVDFAFSLYKQLVLKAPDKNVIFSPVSISTALAFLSLGAHNT
TLTEILKGLKFNLTETSEAEIHQSFQHLLRTLNQSSDELQLSMGNAMFVKEQLSLLDRFTEDAKRLYGSEAFATDFQDSA
AAKKLINDYVKNGTRGKITDLIKDLDSQTMMVLVNYIFFKAKWEMPFDPQDTHQSRFYLSKKKWVMVPMMSLHHLTIPYF
RDEELSCTVVQLNYTGNASVFFILPDQDKMEEVEAMLSRETLARWGDSLEFREIGELYLPKFSISRDYNLNDILLQLGIE
EAFTSKADLSGITGARNLAVSQVVHKAVLDVFEEGTEASAATAVKITLL
;
A
2 'polypeptide(L)' SALVETRTIVRFNRPFLMIIVDHFTWSIFFMSKVTNPKQA B
#
loop_
_chem_comp.id
_chem_comp.type
_chem_comp.name
_chem_comp.formula
EDO non-polymer 1,2-ETHANEDIOL 'C2 H6 O2'
HCY non-polymer (11alpha,14beta)-11,17,21-trihydroxypregn-4-ene-3,20-dione 'C21 H30 O5'
#
# COMPACT_ATOMS: atom_id res chain seq x y z
N VAL A 31 0.69 5.53 -14.31
N VAL A 31 1.33 11.91 -18.60
CA VAL A 31 0.51 6.90 -14.79
CA VAL A 31 0.64 11.74 -17.33
C VAL A 31 -0.74 6.99 -15.66
C VAL A 31 -0.57 10.83 -17.59
N ASP A 32 -1.05 5.90 -16.38
N ASP A 32 -0.32 9.71 -18.27
CA ASP A 32 -2.18 5.88 -17.30
CA ASP A 32 -1.42 8.90 -18.79
C ASP A 32 -3.49 5.57 -16.56
C ASP A 32 -2.28 8.32 -17.68
N ARG A 33 -4.61 5.96 -17.20
N ARG A 33 -1.64 7.81 -16.61
CA ARG A 33 -5.89 6.03 -16.48
CA ARG A 33 -2.33 7.23 -15.44
C ARG A 33 -6.42 4.64 -16.11
C ARG A 33 -3.18 6.00 -15.79
N GLY A 34 -6.14 3.64 -16.96
N GLY A 34 -2.61 5.11 -16.61
CA GLY A 34 -6.64 2.30 -16.69
CA GLY A 34 -3.40 3.99 -17.12
C GLY A 34 -5.82 1.54 -15.66
C GLY A 34 -3.75 2.94 -16.07
N LEU A 35 -4.53 1.81 -15.57
N LEU A 35 -2.81 2.62 -15.17
CA LEU A 35 -3.79 1.33 -14.40
CA LEU A 35 -3.04 1.60 -14.14
C LEU A 35 -4.31 1.97 -13.12
C LEU A 35 -4.05 2.04 -13.09
N ALA A 36 -4.41 3.31 -13.10
CA ALA A 36 -4.87 3.96 -11.88
C ALA A 36 -6.24 3.48 -11.48
N SER A 37 -7.13 3.23 -12.46
CA SER A 37 -8.48 2.81 -12.10
C SER A 37 -8.48 1.41 -11.49
N ALA A 38 -7.71 0.47 -12.06
CA ALA A 38 -7.64 -0.86 -11.47
C ALA A 38 -6.93 -0.84 -10.12
N ASN A 39 -5.83 -0.11 -10.02
CA ASN A 39 -5.10 -0.08 -8.76
C ASN A 39 -5.92 0.57 -7.64
N VAL A 40 -6.76 1.59 -7.95
CA VAL A 40 -7.58 2.18 -6.90
C VAL A 40 -8.71 1.24 -6.48
N ASP A 41 -9.38 0.62 -7.46
CA ASP A 41 -10.41 -0.38 -7.16
C ASP A 41 -9.84 -1.47 -6.27
N PHE A 42 -8.64 -1.95 -6.62
CA PHE A 42 -7.97 -2.96 -5.80
C PHE A 42 -7.70 -2.44 -4.39
N ALA A 43 -7.20 -1.20 -4.28
CA ALA A 43 -6.91 -0.64 -2.97
C ALA A 43 -8.15 -0.70 -2.07
N PHE A 44 -9.30 -0.29 -2.59
CA PHE A 44 -10.44 -0.23 -1.71
C PHE A 44 -11.04 -1.61 -1.46
N SER A 45 -10.91 -2.51 -2.43
CA SER A 45 -11.36 -3.88 -2.19
C SER A 45 -10.50 -4.56 -1.14
N LEU A 46 -9.18 -4.39 -1.22
CA LEU A 46 -8.30 -4.91 -0.18
C LEU A 46 -8.61 -4.29 1.19
N TYR A 47 -8.75 -2.96 1.24
CA TYR A 47 -9.07 -2.29 2.50
C TYR A 47 -10.29 -2.93 3.15
N LYS A 48 -11.35 -3.08 2.37
CA LYS A 48 -12.60 -3.58 2.93
C LYS A 48 -12.44 -5.00 3.49
N GLN A 49 -11.65 -5.84 2.83
CA GLN A 49 -11.43 -7.19 3.34
C GLN A 49 -10.55 -7.18 4.60
N LEU A 50 -9.53 -6.31 4.64
CA LEU A 50 -8.73 -6.19 5.89
C LEU A 50 -9.58 -5.78 7.08
N VAL A 51 -10.50 -4.82 6.87
CA VAL A 51 -11.33 -4.38 7.98
C VAL A 51 -12.33 -5.47 8.37
N LEU A 52 -12.84 -6.23 7.41
CA LEU A 52 -13.74 -7.33 7.79
C LEU A 52 -13.01 -8.36 8.62
N LYS A 53 -11.74 -8.63 8.27
CA LYS A 53 -10.94 -9.61 8.99
C LYS A 53 -10.62 -9.15 10.40
N ALA A 54 -10.32 -7.86 10.58
CA ALA A 54 -9.87 -7.33 11.87
C ALA A 54 -10.54 -6.00 12.15
N PRO A 55 -11.82 -6.01 12.55
CA PRO A 55 -12.59 -4.76 12.54
C PRO A 55 -12.21 -3.77 13.64
N ASP A 56 -11.46 -4.20 14.65
CA ASP A 56 -11.08 -3.32 15.75
C ASP A 56 -9.66 -2.80 15.64
N LYS A 57 -8.96 -3.09 14.54
CA LYS A 57 -7.54 -2.76 14.43
C LYS A 57 -7.30 -1.53 13.55
N ASN A 58 -6.21 -0.82 13.85
CA ASN A 58 -5.60 0.08 12.87
C ASN A 58 -5.36 -0.67 11.55
N VAL A 59 -5.40 0.06 10.46
CA VAL A 59 -5.04 -0.47 9.15
C VAL A 59 -3.92 0.40 8.61
N ILE A 60 -2.86 -0.21 8.07
CA ILE A 60 -1.89 0.53 7.25
C ILE A 60 -1.32 -0.46 6.23
N PHE A 61 -1.43 -0.12 4.95
CA PHE A 61 -0.84 -0.97 3.92
C PHE A 61 -0.55 -0.12 2.70
N SER A 62 0.27 -0.67 1.80
CA SER A 62 0.53 0.02 0.54
C SER A 62 -0.16 -0.74 -0.58
N PRO A 63 -1.24 -0.20 -1.14
CA PRO A 63 -1.91 -0.93 -2.22
C PRO A 63 -1.00 -1.09 -3.40
N VAL A 64 -0.23 -0.05 -3.73
CA VAL A 64 0.56 -0.13 -4.96
C VAL A 64 1.70 -1.15 -4.80
N SER A 65 2.27 -1.30 -3.60
CA SER A 65 3.23 -2.40 -3.37
C SER A 65 2.61 -3.78 -3.64
N ILE A 66 1.41 -4.02 -3.10
CA ILE A 66 0.76 -5.31 -3.26
C ILE A 66 0.36 -5.52 -4.73
N SER A 67 -0.23 -4.49 -5.37
CA SER A 67 -0.52 -4.58 -6.82
C SER A 67 0.73 -4.93 -7.64
N THR A 68 1.85 -4.29 -7.33
CA THR A 68 3.05 -4.48 -8.14
C THR A 68 3.62 -5.86 -7.87
N ALA A 69 3.59 -6.31 -6.63
CA ALA A 69 4.11 -7.65 -6.32
C ALA A 69 3.29 -8.71 -7.04
N LEU A 70 1.96 -8.56 -7.05
CA LEU A 70 1.11 -9.57 -7.68
C LEU A 70 1.17 -9.48 -9.19
N ALA A 71 1.33 -8.26 -9.75
CA ALA A 71 1.55 -8.14 -11.20
C ALA A 71 2.85 -8.85 -11.59
N PHE A 72 3.90 -8.63 -10.80
CA PHE A 72 5.14 -9.35 -10.98
C PHE A 72 4.91 -10.86 -10.96
N LEU A 73 4.23 -11.37 -9.93
CA LEU A 73 3.86 -12.78 -9.94
C LEU A 73 3.17 -13.21 -11.24
N SER A 74 2.23 -12.40 -11.73
CA SER A 74 1.47 -12.79 -12.91
C SER A 74 2.35 -12.92 -14.14
N LEU A 75 3.49 -12.30 -14.15
CA LEU A 75 4.38 -12.45 -15.25
C LEU A 75 4.65 -13.92 -15.54
N GLY A 76 4.73 -14.72 -14.51
CA GLY A 76 4.99 -16.16 -14.63
C GLY A 76 3.79 -17.08 -14.66
N ALA A 77 2.58 -16.55 -14.57
CA ALA A 77 1.37 -17.34 -14.46
C ALA A 77 0.80 -17.60 -15.85
N HIS A 78 0.12 -18.75 -15.99
CA HIS A 78 -0.63 -19.10 -17.19
C HIS A 78 -2.07 -19.44 -16.82
N ASN A 79 -2.95 -19.36 -17.82
CA ASN A 79 -4.28 -20.01 -17.80
C ASN A 79 -5.11 -19.47 -16.63
N THR A 80 -5.80 -20.32 -15.89
CA THR A 80 -6.69 -19.82 -14.84
C THR A 80 -5.90 -19.14 -13.73
N THR A 81 -4.66 -19.59 -13.47
CA THR A 81 -3.83 -18.95 -12.45
C THR A 81 -3.64 -17.49 -12.82
N LEU A 82 -3.32 -17.23 -14.08
CA LEU A 82 -3.08 -15.88 -14.54
C LEU A 82 -4.36 -15.04 -14.50
N THR A 83 -5.39 -15.52 -15.17
CA THR A 83 -6.65 -14.79 -15.24
C THR A 83 -7.14 -14.40 -13.86
N GLU A 84 -7.01 -15.30 -12.88
CA GLU A 84 -7.50 -14.99 -11.54
C GLU A 84 -6.71 -13.83 -10.94
N ILE A 85 -5.39 -13.83 -11.12
CA ILE A 85 -4.57 -12.75 -10.56
C ILE A 85 -4.95 -11.42 -11.20
N LEU A 86 -5.07 -11.40 -12.52
CA LEU A 86 -5.29 -10.12 -13.19
C LEU A 86 -6.67 -9.59 -12.88
N LYS A 87 -7.66 -10.47 -12.82
CA LYS A 87 -8.99 -10.08 -12.42
C LYS A 87 -9.02 -9.67 -10.96
N GLY A 88 -8.26 -10.38 -10.11
CA GLY A 88 -8.23 -10.03 -8.69
C GLY A 88 -7.65 -8.65 -8.47
N LEU A 89 -6.70 -8.25 -9.33
CA LEU A 89 -6.11 -6.90 -9.32
C LEU A 89 -7.02 -5.85 -9.93
N LYS A 90 -8.22 -6.25 -10.40
CA LYS A 90 -9.32 -5.39 -10.82
C LYS A 90 -9.11 -4.85 -12.23
N PHE A 91 -8.34 -5.57 -13.02
CA PHE A 91 -8.21 -5.22 -14.44
C PHE A 91 -9.40 -5.75 -15.19
N ASN A 92 -9.86 -4.97 -16.18
CA ASN A 92 -10.94 -5.39 -17.05
C ASN A 92 -10.26 -6.00 -18.26
N LEU A 93 -10.31 -7.33 -18.33
CA LEU A 93 -9.57 -8.06 -19.36
C LEU A 93 -10.26 -8.01 -20.73
N THR A 94 -11.51 -7.55 -20.81
CA THR A 94 -12.11 -7.28 -22.11
C THR A 94 -11.62 -5.97 -22.70
N GLU A 95 -10.94 -5.14 -21.91
CA GLU A 95 -10.45 -3.85 -22.37
C GLU A 95 -8.94 -3.71 -22.25
N THR A 96 -8.24 -4.73 -21.76
CA THR A 96 -6.79 -4.67 -21.64
C THR A 96 -6.23 -6.08 -21.76
N SER A 97 -4.91 -6.16 -21.88
CA SER A 97 -4.22 -7.43 -22.03
C SER A 97 -3.08 -7.50 -21.01
N GLU A 98 -2.63 -8.72 -20.74
CA GLU A 98 -1.49 -8.88 -19.85
C GLU A 98 -0.29 -8.11 -20.33
N ALA A 99 -0.03 -8.08 -21.64
CA ALA A 99 1.12 -7.33 -22.14
C ALA A 99 0.98 -5.83 -21.86
N GLU A 100 -0.24 -5.31 -21.99
CA GLU A 100 -0.45 -3.90 -21.71
C GLU A 100 -0.31 -3.64 -20.21
N ILE A 101 -0.81 -4.58 -19.40
CA ILE A 101 -0.69 -4.46 -17.95
C ILE A 101 0.77 -4.38 -17.53
N HIS A 102 1.62 -5.33 -17.96
CA HIS A 102 3.03 -5.27 -17.54
C HIS A 102 3.73 -4.01 -18.03
N GLN A 103 3.42 -3.58 -19.27
CA GLN A 103 4.01 -2.33 -19.75
C GLN A 103 3.62 -1.15 -18.85
N SER A 104 2.36 -1.15 -18.39
CA SER A 104 1.89 -0.11 -17.48
C SER A 104 2.66 -0.14 -16.16
N PHE A 105 2.87 -1.34 -15.58
CA PHE A 105 3.67 -1.37 -14.36
C PHE A 105 5.12 -0.95 -14.63
N GLN A 106 5.70 -1.33 -15.78
CA GLN A 106 7.04 -0.84 -16.08
C GLN A 106 7.07 0.69 -16.06
N HIS A 107 6.09 1.30 -16.70
CA HIS A 107 6.07 2.76 -16.76
C HIS A 107 5.91 3.37 -15.37
N LEU A 108 5.09 2.75 -14.52
CA LEU A 108 4.86 3.28 -13.18
C LEU A 108 6.13 3.26 -12.36
N LEU A 109 6.85 2.14 -12.40
CA LEU A 109 8.08 2.01 -11.63
C LEU A 109 9.10 3.03 -12.10
N ARG A 110 9.17 3.26 -13.41
CA ARG A 110 10.10 4.27 -13.89
C ARG A 110 9.71 5.65 -13.33
N THR A 111 8.41 5.98 -13.38
CA THR A 111 7.95 7.28 -12.89
C THR A 111 8.18 7.42 -11.39
N LEU A 112 7.79 6.40 -10.61
CA LEU A 112 7.93 6.52 -9.16
C LEU A 112 9.38 6.70 -8.73
N ASN A 113 10.30 6.08 -9.45
CA ASN A 113 11.71 6.10 -9.06
C ASN A 113 12.50 7.25 -9.69
N GLN A 114 11.83 8.21 -10.32
CA GLN A 114 12.53 9.39 -10.82
C GLN A 114 13.24 10.14 -9.70
N SER A 115 14.35 10.79 -10.04
CA SER A 115 15.03 11.65 -9.07
C SER A 115 14.14 12.81 -8.63
N SER A 116 14.26 13.21 -7.37
CA SER A 116 13.47 14.33 -6.85
C SER A 116 14.27 15.07 -5.80
N ASP A 117 14.22 16.40 -5.84
CA ASP A 117 14.85 17.21 -4.81
C ASP A 117 13.87 17.60 -3.71
N GLU A 118 12.68 17.00 -3.69
CA GLU A 118 11.59 17.46 -2.83
C GLU A 118 11.08 16.38 -1.90
N LEU A 119 10.89 15.19 -2.41
CA LEU A 119 10.47 14.11 -1.57
C LEU A 119 11.17 12.82 -1.91
N GLN A 120 11.30 11.97 -0.95
CA GLN A 120 12.02 10.72 -1.17
C GLN A 120 10.98 9.64 -1.47
N LEU A 121 11.14 8.97 -2.60
CA LEU A 121 10.21 7.92 -2.93
C LEU A 121 10.98 6.87 -3.72
N SER A 122 10.84 5.62 -3.32
CA SER A 122 11.60 4.58 -4.00
C SER A 122 10.75 3.32 -3.99
N MET A 123 10.79 2.57 -5.10
CA MET A 123 10.08 1.29 -5.12
C MET A 123 10.98 0.31 -5.84
N GLY A 124 11.22 -0.85 -5.23
CA GLY A 124 12.09 -1.85 -5.84
C GLY A 124 11.42 -3.20 -5.85
N ASN A 125 11.83 -4.02 -6.81
CA ASN A 125 11.40 -5.41 -6.88
C ASN A 125 12.64 -6.28 -6.96
N ALA A 126 12.52 -7.49 -6.40
CA ALA A 126 13.60 -8.47 -6.46
C ALA A 126 13.01 -9.87 -6.46
N MET A 127 13.76 -10.83 -7.01
CA MET A 127 13.42 -12.24 -6.86
C MET A 127 14.62 -12.96 -6.23
N PHE A 128 14.33 -13.79 -5.24
CA PHE A 128 15.31 -14.62 -4.56
C PHE A 128 15.00 -16.05 -4.97
N VAL A 129 15.96 -16.74 -5.59
CA VAL A 129 15.69 -18.02 -6.26
CA VAL A 129 15.68 -18.02 -6.24
C VAL A 129 16.73 -19.04 -5.84
N LYS A 130 16.27 -20.25 -5.56
CA LYS A 130 17.18 -21.35 -5.32
C LYS A 130 18.11 -21.48 -6.51
N GLU A 131 19.41 -21.56 -6.24
CA GLU A 131 20.44 -21.59 -7.29
C GLU A 131 20.12 -22.59 -8.39
N GLN A 132 19.67 -23.79 -8.03
CA GLN A 132 19.51 -24.89 -8.97
C GLN A 132 18.16 -24.91 -9.66
N LEU A 133 17.26 -23.99 -9.34
CA LEU A 133 15.98 -23.91 -10.02
C LEU A 133 16.19 -23.41 -11.45
N SER A 134 15.67 -24.14 -12.44
CA SER A 134 15.80 -23.71 -13.82
C SER A 134 14.68 -22.73 -14.18
N LEU A 135 15.07 -21.53 -14.65
CA LEU A 135 14.15 -20.45 -15.03
C LEU A 135 14.19 -20.16 -16.52
N LEU A 136 13.02 -20.00 -17.14
CA LEU A 136 12.97 -19.55 -18.53
C LEU A 136 13.73 -18.25 -18.68
N ASP A 137 14.62 -18.18 -19.69
CA ASP A 137 15.34 -16.92 -19.95
C ASP A 137 14.37 -15.77 -20.18
N ARG A 138 13.26 -16.05 -20.85
CA ARG A 138 12.28 -15.00 -21.09
C ARG A 138 11.73 -14.47 -19.76
N PHE A 139 11.51 -15.35 -18.78
CA PHE A 139 11.01 -14.86 -17.51
C PHE A 139 12.01 -13.91 -16.81
N THR A 140 13.26 -14.35 -16.64
CA THR A 140 14.24 -13.49 -15.96
CA THR A 140 14.27 -13.51 -15.98
C THR A 140 14.48 -12.21 -16.74
N GLU A 141 14.47 -12.27 -18.09
CA GLU A 141 14.63 -11.03 -18.85
C GLU A 141 13.46 -10.10 -18.65
N ASP A 142 12.23 -10.65 -18.71
CA ASP A 142 11.07 -9.78 -18.56
C ASP A 142 10.99 -9.22 -17.14
N ALA A 143 11.35 -10.03 -16.14
CA ALA A 143 11.40 -9.57 -14.74
C ALA A 143 12.28 -8.35 -14.59
N LYS A 144 13.49 -8.41 -15.17
CA LYS A 144 14.40 -7.29 -15.09
C LYS A 144 13.90 -6.11 -15.92
N ARG A 145 13.34 -6.38 -17.11
CA ARG A 145 12.99 -5.29 -18.03
C ARG A 145 11.73 -4.56 -17.59
N LEU A 146 10.69 -5.30 -17.18
CA LEU A 146 9.40 -4.76 -16.82
C LEU A 146 9.31 -4.33 -15.37
N TYR A 147 9.85 -5.12 -14.42
CA TYR A 147 9.72 -4.86 -12.98
C TYR A 147 11.02 -4.40 -12.35
N GLY A 148 12.11 -4.28 -13.12
CA GLY A 148 13.35 -3.81 -12.53
C GLY A 148 13.96 -4.79 -11.56
N SER A 149 13.56 -6.05 -11.64
CA SER A 149 13.96 -7.04 -10.64
C SER A 149 15.25 -7.76 -11.04
N GLU A 150 16.22 -7.77 -10.13
CA GLU A 150 17.32 -8.73 -10.27
C GLU A 150 16.89 -10.10 -9.76
N ALA A 151 17.72 -11.11 -10.03
CA ALA A 151 17.53 -12.45 -9.51
C ALA A 151 18.71 -12.76 -8.61
N PHE A 152 18.46 -12.87 -7.32
CA PHE A 152 19.49 -13.22 -6.36
C PHE A 152 19.46 -14.72 -6.13
N ALA A 153 20.56 -15.40 -6.43
CA ALA A 153 20.67 -16.80 -6.03
C ALA A 153 20.64 -16.92 -4.51
N THR A 154 19.75 -17.78 -4.02
CA THR A 154 19.47 -17.84 -2.59
C THR A 154 19.43 -19.30 -2.15
N ASP A 155 20.06 -19.61 -1.01
CA ASP A 155 20.11 -20.97 -0.49
C ASP A 155 19.03 -21.15 0.58
N PHE A 156 17.83 -21.50 0.12
CA PHE A 156 16.70 -21.60 1.01
C PHE A 156 16.81 -22.74 2.00
N GLN A 157 17.66 -23.73 1.73
CA GLN A 157 17.86 -24.76 2.74
C GLN A 157 18.61 -24.22 3.94
N ASP A 158 19.41 -23.17 3.77
CA ASP A 158 19.92 -22.43 4.92
C ASP A 158 18.92 -21.33 5.25
N SER A 159 17.79 -21.75 5.81
CA SER A 159 16.63 -20.85 5.83
C SER A 159 16.90 -19.59 6.64
N ALA A 160 17.63 -19.71 7.76
CA ALA A 160 17.95 -18.52 8.54
C ALA A 160 18.76 -17.52 7.72
N ALA A 161 19.73 -17.99 6.94
CA ALA A 161 20.51 -17.06 6.12
C ALA A 161 19.69 -16.49 4.97
N ALA A 162 18.85 -17.31 4.35
CA ALA A 162 17.97 -16.80 3.31
C ALA A 162 16.99 -15.78 3.88
N LYS A 163 16.42 -16.07 5.05
CA LYS A 163 15.55 -15.09 5.69
C LYS A 163 16.27 -13.78 5.94
N LYS A 164 17.52 -13.84 6.42
CA LYS A 164 18.23 -12.59 6.72
C LYS A 164 18.56 -11.82 5.44
N LEU A 165 18.93 -12.51 4.38
CA LEU A 165 19.23 -11.82 3.12
C LEU A 165 18.02 -11.06 2.60
N ILE A 166 16.85 -11.73 2.57
CA ILE A 166 15.64 -11.06 2.11
C ILE A 166 15.28 -9.91 3.05
N ASN A 167 15.30 -10.14 4.38
CA ASN A 167 14.98 -9.04 5.28
C ASN A 167 15.98 -7.90 5.14
N ASP A 168 17.26 -8.22 4.88
CA ASP A 168 18.25 -7.16 4.72
C ASP A 168 17.98 -6.35 3.45
N TYR A 169 17.59 -7.03 2.38
CA TYR A 169 17.24 -6.32 1.16
C TYR A 169 16.09 -5.34 1.43
N VAL A 170 15.07 -5.80 2.15
CA VAL A 170 13.93 -4.94 2.46
C VAL A 170 14.36 -3.82 3.40
N LYS A 171 15.16 -4.15 4.41
CA LYS A 171 15.64 -3.13 5.33
C LYS A 171 16.41 -2.04 4.60
N ASN A 172 17.29 -2.45 3.68
CA ASN A 172 18.05 -1.48 2.88
C ASN A 172 17.11 -0.61 2.07
N GLY A 173 16.12 -1.22 1.41
CA GLY A 173 15.23 -0.45 0.56
C GLY A 173 14.31 0.48 1.33
N THR A 174 13.97 0.15 2.54
CA THR A 174 13.08 0.94 3.34
C THR A 174 13.78 1.82 4.34
N ARG A 175 15.08 1.96 4.16
CA ARG A 175 15.89 2.77 5.04
C ARG A 175 15.73 2.38 6.52
N GLY A 176 15.72 1.08 6.80
CA GLY A 176 15.53 0.55 8.12
C GLY A 176 14.13 0.51 8.69
N LYS A 177 13.14 0.92 7.93
CA LYS A 177 11.78 0.99 8.50
C LYS A 177 11.09 -0.37 8.55
N ILE A 178 11.32 -1.26 7.59
CA ILE A 178 10.68 -2.58 7.60
C ILE A 178 11.76 -3.63 7.86
N THR A 179 11.77 -4.23 9.04
CA THR A 179 12.90 -5.10 9.41
C THR A 179 12.59 -6.59 9.39
N ASP A 180 11.35 -6.98 9.54
CA ASP A 180 11.08 -8.39 9.75
C ASP A 180 9.97 -8.84 8.81
N LEU A 181 10.06 -8.44 7.54
CA LEU A 181 9.03 -8.82 6.60
C LEU A 181 8.85 -10.34 6.59
N ILE A 182 9.97 -11.07 6.50
CA ILE A 182 9.93 -12.53 6.47
C ILE A 182 10.15 -13.01 7.90
N LYS A 183 9.13 -13.67 8.48
CA LYS A 183 9.30 -14.20 9.82
C LYS A 183 9.73 -15.67 9.78
N ASP A 184 9.03 -16.46 8.98
CA ASP A 184 9.32 -17.87 8.78
C ASP A 184 9.51 -18.12 7.29
N LEU A 185 10.50 -18.94 6.98
CA LEU A 185 10.77 -19.37 5.62
C LEU A 185 10.89 -20.88 5.64
N ASP A 186 9.95 -21.56 4.98
CA ASP A 186 10.10 -22.99 4.76
C ASP A 186 11.46 -23.26 4.12
N SER A 187 12.13 -24.30 4.60
CA SER A 187 13.44 -24.66 4.05
C SER A 187 13.33 -25.19 2.61
N GLN A 188 12.14 -25.59 2.16
CA GLN A 188 11.88 -26.08 0.81
C GLN A 188 11.31 -25.00 -0.12
N THR A 189 11.43 -23.73 0.27
CA THR A 189 11.07 -22.62 -0.62
C THR A 189 11.94 -22.65 -1.88
N MET A 190 11.33 -22.33 -3.02
CA MET A 190 12.05 -22.23 -4.31
C MET A 190 12.32 -20.79 -4.75
N MET A 191 11.45 -19.86 -4.41
CA MET A 191 11.53 -18.49 -4.93
C MET A 191 10.75 -17.58 -3.98
N VAL A 192 11.26 -16.37 -3.78
CA VAL A 192 10.48 -15.34 -3.10
C VAL A 192 10.52 -14.09 -3.98
N LEU A 193 9.36 -13.55 -4.31
CA LEU A 193 9.28 -12.28 -5.01
C LEU A 193 9.03 -11.20 -3.97
N VAL A 194 9.76 -10.09 -4.07
CA VAL A 194 9.67 -9.03 -3.07
C VAL A 194 9.48 -7.69 -3.76
N ASN A 195 8.57 -6.89 -3.21
CA ASN A 195 8.42 -5.49 -3.57
C ASN A 195 8.57 -4.67 -2.31
N TYR A 196 9.25 -3.52 -2.39
CA TYR A 196 9.18 -2.57 -1.27
C TYR A 196 8.89 -1.18 -1.79
N ILE A 197 8.34 -0.32 -0.89
CA ILE A 197 8.09 1.08 -1.17
C ILE A 197 8.58 1.87 0.03
N PHE A 198 9.33 2.93 -0.24
CA PHE A 198 9.83 3.84 0.77
C PHE A 198 9.34 5.25 0.45
N PHE A 199 8.83 5.96 1.46
CA PHE A 199 8.23 7.28 1.26
C PHE A 199 8.62 8.20 2.40
N LYS A 200 9.13 9.38 2.10
CA LYS A 200 9.47 10.33 3.14
C LYS A 200 9.23 11.69 2.56
N ALA A 201 8.46 12.48 3.25
CA ALA A 201 8.03 13.74 2.67
C ALA A 201 7.83 14.77 3.76
N LYS A 202 8.03 16.04 3.38
CA LYS A 202 7.79 17.15 4.28
C LYS A 202 6.43 17.78 4.00
N TRP A 203 5.73 18.21 5.06
CA TRP A 203 4.52 18.99 4.89
C TRP A 203 4.87 20.30 4.19
N GLU A 204 4.00 20.71 3.29
CA GLU A 204 4.11 22.04 2.72
C GLU A 204 3.90 23.10 3.79
N MET A 205 3.02 22.81 4.75
CA MET A 205 2.77 23.67 5.92
C MET A 205 3.03 22.81 7.15
N PRO A 206 4.27 22.80 7.65
CA PRO A 206 4.61 21.95 8.78
C PRO A 206 4.04 22.45 10.10
N PHE A 207 3.83 21.49 11.00
CA PHE A 207 3.37 21.78 12.36
C PHE A 207 4.55 22.27 13.20
N ASP A 208 4.29 23.22 14.11
CA ASP A 208 5.31 23.64 15.06
C ASP A 208 5.22 22.76 16.30
N PRO A 209 6.29 22.04 16.69
CA PRO A 209 6.17 21.18 17.87
C PRO A 209 5.87 21.91 19.14
N GLN A 210 6.09 23.25 19.19
CA GLN A 210 5.69 23.98 20.39
C GLN A 210 4.18 24.00 20.53
N ASP A 211 3.46 23.68 19.46
CA ASP A 211 2.00 23.64 19.49
C ASP A 211 1.44 22.23 19.67
N THR A 212 2.30 21.23 19.82
CA THR A 212 1.86 19.85 20.03
C THR A 212 1.62 19.66 21.53
N HIS A 213 0.40 19.25 21.90
CA HIS A 213 0.06 19.06 23.31
C HIS A 213 -0.69 17.75 23.51
N GLN A 214 -0.46 17.14 24.66
CA GLN A 214 -1.18 15.91 24.99
C GLN A 214 -2.67 16.21 25.06
N SER A 215 -3.45 15.39 24.35
CA SER A 215 -4.88 15.62 24.27
CA SER A 215 -4.88 15.62 24.24
C SER A 215 -5.58 14.27 24.06
N ARG A 216 -6.89 14.27 24.25
CA ARG A 216 -7.65 13.04 24.14
C ARG A 216 -7.81 12.62 22.69
N PHE A 217 -7.64 11.32 22.45
CA PHE A 217 -8.09 10.70 21.21
C PHE A 217 -9.15 9.66 21.62
N TYR A 218 -10.39 9.90 21.22
CA TYR A 218 -11.54 9.11 21.65
C TYR A 218 -11.60 7.84 20.83
N LEU A 219 -11.33 6.72 21.49
CA LEU A 219 -11.52 5.40 20.86
C LEU A 219 -12.98 5.13 20.61
N SER A 220 -13.84 5.58 21.52
CA SER A 220 -15.29 5.52 21.39
C SER A 220 -15.85 6.71 22.14
N LYS A 221 -17.18 6.85 22.14
CA LYS A 221 -17.82 7.98 22.84
C LYS A 221 -17.35 8.10 24.29
N LYS A 222 -17.04 6.98 24.95
CA LYS A 222 -16.74 7.02 26.38
C LYS A 222 -15.34 6.56 26.73
N LYS A 223 -14.51 6.19 25.76
CA LYS A 223 -13.14 5.76 26.05
C LYS A 223 -12.18 6.61 25.23
N TRP A 224 -11.09 7.08 25.86
CA TRP A 224 -10.07 7.77 25.08
C TRP A 224 -8.68 7.34 25.53
N VAL A 225 -7.70 7.72 24.72
CA VAL A 225 -6.29 7.65 25.08
C VAL A 225 -5.69 9.04 24.90
N MET A 226 -4.59 9.27 25.60
CA MET A 226 -3.89 10.55 25.50
C MET A 226 -2.81 10.44 24.43
N VAL A 227 -2.79 11.38 23.50
CA VAL A 227 -1.80 11.39 22.41
C VAL A 227 -1.22 12.78 22.28
N PRO A 228 -0.03 12.91 21.70
CA PRO A 228 0.47 14.24 21.30
C PRO A 228 -0.38 14.73 20.13
N MET A 229 -1.09 15.84 20.34
CA MET A 229 -1.97 16.39 19.31
C MET A 229 -1.26 17.58 18.69
N MET A 230 -0.87 17.45 17.42
CA MET A 230 -0.25 18.57 16.71
C MET A 230 -1.33 19.55 16.28
N SER A 231 -0.95 20.81 16.05
CA SER A 231 -1.96 21.71 15.54
C SER A 231 -1.35 22.73 14.58
N LEU A 232 -2.18 23.16 13.64
CA LEU A 232 -1.89 24.25 12.72
C LEU A 232 -2.99 25.28 12.89
N HIS A 233 -2.66 26.56 12.73
CA HIS A 233 -3.64 27.61 12.95
C HIS A 233 -3.70 28.49 11.70
N HIS A 234 -4.90 28.96 11.38
CA HIS A 234 -5.14 29.88 10.26
C HIS A 234 -4.56 29.31 8.96
N LEU A 235 -5.13 28.19 8.57
CA LEU A 235 -4.67 27.39 7.43
C LEU A 235 -5.74 27.49 6.38
N THR A 236 -5.37 27.66 5.12
CA THR A 236 -6.31 27.59 4.03
C THR A 236 -6.00 26.34 3.20
N ILE A 237 -6.92 25.37 3.21
CA ILE A 237 -6.66 24.06 2.59
C ILE A 237 -7.93 23.58 1.89
N PRO A 238 -7.80 22.60 0.99
CA PRO A 238 -9.01 22.05 0.36
C PRO A 238 -9.81 21.23 1.38
N TYR A 239 -11.12 21.43 1.38
CA TYR A 239 -12.00 20.98 2.45
C TYR A 239 -13.34 20.61 1.84
N PHE A 240 -13.96 19.54 2.34
CA PHE A 240 -15.32 19.21 1.89
C PHE A 240 -16.05 18.54 3.02
N ARG A 241 -17.19 19.09 3.43
CA ARG A 241 -18.07 18.43 4.38
C ARG A 241 -19.06 17.59 3.59
N ASP A 242 -18.96 16.26 3.72
CA ASP A 242 -19.84 15.33 3.03
C ASP A 242 -21.00 15.02 3.98
N GLU A 243 -22.09 15.79 3.86
CA GLU A 243 -23.20 15.57 4.79
C GLU A 243 -23.89 14.22 4.56
N GLU A 244 -23.96 13.76 3.30
CA GLU A 244 -24.65 12.50 3.06
C GLU A 244 -23.91 11.34 3.71
N LEU A 245 -22.58 11.39 3.75
CA LEU A 245 -21.80 10.33 4.35
C LEU A 245 -21.34 10.65 5.77
N SER A 246 -21.81 11.76 6.34
CA SER A 246 -21.47 12.17 7.71
C SER A 246 -19.97 12.18 7.96
N CYS A 247 -19.21 12.82 7.07
CA CYS A 247 -17.77 12.86 7.29
C CYS A 247 -17.25 14.17 6.73
N THR A 248 -16.04 14.53 7.16
CA THR A 248 -15.36 15.72 6.67
C THR A 248 -14.05 15.27 6.01
N VAL A 249 -13.76 15.84 4.84
CA VAL A 249 -12.60 15.45 4.03
C VAL A 249 -11.71 16.69 3.91
N VAL A 250 -10.41 16.53 4.20
CA VAL A 250 -9.48 17.62 3.91
C VAL A 250 -8.31 16.97 3.18
N GLN A 251 -7.62 17.77 2.39
CA GLN A 251 -6.43 17.34 1.69
CA GLN A 251 -6.43 17.33 1.68
C GLN A 251 -5.25 18.17 2.19
N LEU A 252 -4.28 17.51 2.78
CA LEU A 252 -3.07 18.22 3.17
C LEU A 252 -2.00 17.88 2.14
N ASN A 253 -1.08 18.80 1.92
CA ASN A 253 -0.11 18.68 0.84
CA ASN A 253 -0.11 18.71 0.86
C ASN A 253 1.29 18.42 1.40
N TYR A 254 2.04 17.62 0.67
CA TYR A 254 3.46 17.45 0.92
C TYR A 254 4.21 18.29 -0.14
N THR A 255 5.42 18.71 0.19
CA THR A 255 6.27 19.29 -0.85
C THR A 255 6.61 18.19 -1.85
N GLY A 256 6.33 18.44 -3.11
CA GLY A 256 6.49 17.43 -4.14
C GLY A 256 5.14 16.96 -4.66
N ASN A 257 5.16 15.82 -5.35
CA ASN A 257 3.97 15.44 -6.09
C ASN A 257 2.94 14.69 -5.25
N ALA A 258 3.14 14.52 -3.96
CA ALA A 258 2.25 13.70 -3.16
C ALA A 258 1.40 14.59 -2.26
N SER A 259 0.23 14.10 -1.88
CA SER A 259 -0.65 14.74 -0.92
C SER A 259 -1.37 13.64 -0.16
N VAL A 260 -2.24 14.03 0.77
CA VAL A 260 -2.91 13.04 1.59
C VAL A 260 -4.34 13.49 1.84
N PHE A 261 -5.29 12.61 1.55
CA PHE A 261 -6.68 12.82 1.94
C PHE A 261 -6.82 12.32 3.36
N PHE A 262 -7.35 13.17 4.24
CA PHE A 262 -7.76 12.77 5.57
C PHE A 262 -9.27 12.77 5.58
N ILE A 263 -9.87 11.65 5.97
CA ILE A 263 -11.33 11.56 6.05
C ILE A 263 -11.68 11.35 7.52
N LEU A 264 -12.51 12.25 8.06
CA LEU A 264 -12.88 12.21 9.47
C LEU A 264 -14.39 11.91 9.58
N PRO A 265 -14.79 10.66 9.75
CA PRO A 265 -16.21 10.37 9.97
C PRO A 265 -16.67 10.97 11.29
N ASP A 266 -17.95 11.38 11.32
CA ASP A 266 -18.51 11.77 12.60
C ASP A 266 -18.42 10.58 13.57
N GLN A 267 -18.55 10.88 14.86
CA GLN A 267 -18.52 9.83 15.89
C GLN A 267 -19.44 8.66 15.56
N ASP A 268 -18.87 7.45 15.56
CA ASP A 268 -19.58 6.20 15.29
C ASP A 268 -20.07 6.05 13.86
N LYS A 269 -19.58 6.88 12.94
CA LYS A 269 -19.93 6.70 11.54
C LYS A 269 -18.82 6.05 10.72
N MET A 270 -17.74 5.57 11.35
CA MET A 270 -16.63 5.03 10.54
C MET A 270 -17.12 3.92 9.61
N GLU A 271 -17.91 2.97 10.14
CA GLU A 271 -18.27 1.84 9.29
C GLU A 271 -19.14 2.26 8.10
N GLU A 272 -19.99 3.26 8.29
CA GLU A 272 -20.78 3.76 7.17
C GLU A 272 -19.87 4.38 6.08
N VAL A 273 -18.87 5.16 6.49
CA VAL A 273 -17.97 5.71 5.48
C VAL A 273 -17.19 4.60 4.79
N GLU A 274 -16.69 3.63 5.57
CA GLU A 274 -15.92 2.55 4.98
C GLU A 274 -16.71 1.82 3.89
N ALA A 275 -18.00 1.54 4.13
CA ALA A 275 -18.76 0.81 3.13
C ALA A 275 -18.99 1.64 1.86
N MET A 276 -18.77 2.96 1.91
CA MET A 276 -18.87 3.79 0.74
C MET A 276 -17.54 4.03 0.04
N LEU A 277 -16.43 3.51 0.59
CA LEU A 277 -15.11 3.70 -0.04
C LEU A 277 -15.07 3.01 -1.39
N SER A 278 -14.63 3.74 -2.40
CA SER A 278 -14.57 3.26 -3.77
C SER A 278 -13.83 4.30 -4.57
N ARG A 279 -13.43 3.91 -5.79
CA ARG A 279 -12.87 4.87 -6.72
C ARG A 279 -13.87 6.00 -7.00
N GLU A 280 -15.15 5.66 -7.12
CA GLU A 280 -16.14 6.68 -7.42
C GLU A 280 -16.24 7.70 -6.29
N THR A 281 -16.22 7.23 -5.05
CA THR A 281 -16.34 8.16 -3.93
C THR A 281 -15.09 9.01 -3.79
N LEU A 282 -13.91 8.40 -3.95
CA LEU A 282 -12.68 9.16 -3.87
C LEU A 282 -12.63 10.25 -4.94
N ALA A 283 -13.06 9.92 -6.18
CA ALA A 283 -13.10 10.92 -7.25
C ALA A 283 -14.08 12.03 -6.92
N ARG A 284 -15.25 11.68 -6.38
CA ARG A 284 -16.22 12.68 -6.00
C ARG A 284 -15.66 13.59 -4.90
N TRP A 285 -15.06 12.99 -3.87
CA TRP A 285 -14.41 13.81 -2.85
C TRP A 285 -13.38 14.77 -3.46
N GLY A 286 -12.50 14.25 -4.32
CA GLY A 286 -11.48 15.09 -4.93
C GLY A 286 -12.09 16.23 -5.72
N ASP A 287 -13.21 15.97 -6.37
CA ASP A 287 -13.85 16.97 -7.20
CA ASP A 287 -13.83 16.98 -7.20
C ASP A 287 -14.74 17.91 -6.41
N SER A 288 -14.99 17.61 -5.14
CA SER A 288 -15.86 18.42 -4.29
C SER A 288 -15.11 19.32 -3.33
N LEU A 289 -13.80 19.20 -3.23
CA LEU A 289 -13.03 20.02 -2.30
C LEU A 289 -13.06 21.50 -2.69
N GLU A 290 -13.18 22.36 -1.70
CA GLU A 290 -13.05 23.80 -1.90
C GLU A 290 -12.08 24.37 -0.87
N PHE A 291 -11.32 25.40 -1.24
CA PHE A 291 -10.46 26.01 -0.24
C PHE A 291 -11.28 26.69 0.84
N ARG A 292 -10.88 26.46 2.09
CA ARG A 292 -11.56 27.01 3.25
CA ARG A 292 -11.57 27.00 3.25
C ARG A 292 -10.51 27.39 4.26
N GLU A 293 -10.70 28.55 4.89
CA GLU A 293 -9.83 28.96 5.99
C GLU A 293 -10.19 28.16 7.21
N ILE A 294 -9.24 27.40 7.71
CA ILE A 294 -9.46 26.61 8.90
C ILE A 294 -8.86 27.35 10.07
N GLY A 295 -9.66 27.57 11.13
CA GLY A 295 -9.14 28.20 12.32
C GLY A 295 -8.05 27.40 12.99
N GLU A 296 -8.34 26.13 13.34
CA GLU A 296 -7.36 25.26 13.93
C GLU A 296 -7.60 23.87 13.37
N LEU A 297 -6.52 23.21 13.01
CA LEU A 297 -6.55 21.80 12.62
C LEU A 297 -5.71 21.07 13.65
N TYR A 298 -6.26 20.01 14.22
CA TYR A 298 -5.59 19.20 15.21
C TYR A 298 -5.38 17.82 14.62
N LEU A 299 -4.13 17.33 14.66
CA LEU A 299 -3.81 16.03 14.09
C LEU A 299 -2.84 15.32 15.02
N PRO A 300 -3.11 14.08 15.43
CA PRO A 300 -2.16 13.37 16.29
C PRO A 300 -0.82 13.16 15.61
N LYS A 301 0.19 13.15 16.44
CA LYS A 301 1.49 12.62 16.08
C LYS A 301 1.49 11.15 16.46
N PHE A 302 1.82 10.26 15.52
CA PHE A 302 1.64 8.84 15.81
C PHE A 302 2.52 8.02 14.88
N SER A 303 2.76 6.79 15.30
CA SER A 303 3.44 5.82 14.48
CA SER A 303 3.51 5.79 14.53
C SER A 303 2.66 4.53 14.62
N ILE A 304 2.24 3.93 13.50
CA ILE A 304 1.49 2.67 13.57
C ILE A 304 2.07 1.68 12.55
N SER A 305 1.86 0.39 12.81
CA SER A 305 2.43 -0.59 11.91
C SER A 305 1.56 -1.83 11.94
N ARG A 306 1.46 -2.49 10.82
CA ARG A 306 0.72 -3.69 10.74
C ARG A 306 1.38 -4.69 9.84
N ASP A 307 1.23 -5.96 10.20
CA ASP A 307 1.76 -7.12 9.47
C ASP A 307 0.60 -7.96 8.99
N TYR A 308 0.60 -8.42 7.75
CA TYR A 308 -0.45 -9.25 7.25
C TYR A 308 -0.10 -10.52 6.53
N ASN A 309 -0.91 -11.54 6.76
CA ASN A 309 -0.90 -12.73 5.92
C ASN A 309 -2.04 -12.52 4.96
N LEU A 310 -1.74 -12.26 3.69
CA LEU A 310 -2.78 -11.91 2.72
C LEU A 310 -3.46 -13.12 2.05
N ASN A 311 -3.15 -14.35 2.48
CA ASN A 311 -3.68 -15.52 1.75
C ASN A 311 -5.21 -15.50 1.74
N ASP A 312 -5.83 -15.31 2.92
CA ASP A 312 -7.29 -15.42 2.93
C ASP A 312 -7.90 -14.23 2.17
N ILE A 313 -7.26 -13.07 2.26
CA ILE A 313 -7.77 -11.90 1.55
C ILE A 313 -7.70 -12.11 0.05
N LEU A 314 -6.58 -12.64 -0.43
CA LEU A 314 -6.46 -12.84 -1.87
C LEU A 314 -7.43 -13.90 -2.37
N LEU A 315 -7.66 -14.93 -1.56
CA LEU A 315 -8.65 -15.93 -1.93
CA LEU A 315 -8.67 -15.93 -1.89
C LEU A 315 -10.05 -15.30 -1.99
N GLN A 316 -10.36 -14.37 -1.09
CA GLN A 316 -11.69 -13.74 -1.17
C GLN A 316 -11.80 -12.94 -2.44
N LEU A 317 -10.68 -12.43 -2.95
CA LEU A 317 -10.65 -11.69 -4.20
C LEU A 317 -10.56 -12.58 -5.41
N GLY A 318 -10.76 -13.90 -5.26
CA GLY A 318 -10.76 -14.81 -6.38
C GLY A 318 -9.40 -15.35 -6.80
N ILE A 319 -8.33 -15.00 -6.10
CA ILE A 319 -6.98 -15.48 -6.47
C ILE A 319 -6.78 -16.80 -5.73
N GLU A 320 -7.00 -17.90 -6.44
CA GLU A 320 -7.15 -19.18 -5.76
C GLU A 320 -6.20 -20.24 -6.32
N GLU A 321 -6.22 -20.46 -7.63
CA GLU A 321 -5.44 -21.55 -8.21
C GLU A 321 -3.96 -21.40 -7.93
N ALA A 322 -3.43 -20.15 -7.83
CA ALA A 322 -2.00 -19.99 -7.58
C ALA A 322 -1.54 -20.69 -6.29
N PHE A 323 -2.45 -20.87 -5.34
CA PHE A 323 -2.11 -21.49 -4.06
C PHE A 323 -2.29 -23.00 -4.08
N THR A 324 -2.84 -23.56 -5.13
CA THR A 324 -3.31 -24.95 -5.07
C THR A 324 -2.37 -25.85 -5.85
N SER A 325 -2.65 -27.17 -5.79
CA SER A 325 -1.86 -28.08 -6.60
CA SER A 325 -1.93 -28.13 -6.60
C SER A 325 -2.18 -27.95 -8.08
N LYS A 326 -3.24 -27.23 -8.46
CA LYS A 326 -3.52 -26.88 -9.83
C LYS A 326 -2.80 -25.59 -10.27
N ALA A 327 -1.91 -25.05 -9.43
CA ALA A 327 -1.21 -23.82 -9.79
C ALA A 327 -0.50 -23.93 -11.13
N ASP A 328 -0.63 -22.88 -11.94
CA ASP A 328 0.07 -22.83 -13.21
C ASP A 328 1.00 -21.62 -13.25
N LEU A 329 2.25 -21.84 -12.84
CA LEU A 329 3.30 -20.83 -12.91
C LEU A 329 4.36 -21.23 -13.93
N SER A 330 3.91 -21.93 -15.00
CA SER A 330 4.86 -22.48 -15.97
C SER A 330 5.52 -21.40 -16.80
N GLY A 331 5.06 -20.16 -16.69
CA GLY A 331 5.82 -19.09 -17.31
C GLY A 331 7.10 -18.75 -16.59
N ILE A 332 7.32 -19.27 -15.39
CA ILE A 332 8.57 -19.02 -14.67
C ILE A 332 9.64 -20.03 -15.07
N THR A 333 9.26 -21.32 -15.11
CA THR A 333 10.19 -22.43 -15.32
C THR A 333 10.00 -23.18 -16.63
N GLY A 334 8.84 -23.10 -17.25
CA GLY A 334 8.51 -23.94 -18.40
C GLY A 334 7.71 -25.15 -18.02
N ALA A 335 7.56 -25.40 -16.71
CA ALA A 335 6.82 -26.56 -16.25
C ALA A 335 5.89 -26.12 -15.14
N ARG A 336 4.83 -26.88 -14.93
CA ARG A 336 3.89 -26.55 -13.86
C ARG A 336 4.37 -27.12 -12.54
N ASN A 337 5.51 -26.58 -12.05
CA ASN A 337 6.20 -27.16 -10.88
C ASN A 337 6.35 -26.19 -9.70
N LEU A 338 5.57 -25.12 -9.67
CA LEU A 338 5.72 -24.07 -8.64
C LEU A 338 4.34 -23.64 -8.19
N ALA A 339 4.22 -23.30 -6.92
CA ALA A 339 2.96 -22.84 -6.39
C ALA A 339 3.23 -21.85 -5.28
N VAL A 340 2.30 -20.90 -5.14
CA VAL A 340 2.43 -19.91 -4.07
C VAL A 340 2.08 -20.56 -2.74
N SER A 341 2.93 -20.37 -1.73
CA SER A 341 2.56 -20.78 -0.39
C SER A 341 1.94 -19.65 0.42
N GLN A 342 2.50 -18.44 0.34
CA GLN A 342 2.02 -17.38 1.22
C GLN A 342 2.40 -16.04 0.61
N VAL A 343 1.52 -15.07 0.76
CA VAL A 343 1.78 -13.66 0.42
C VAL A 343 1.67 -12.86 1.71
N VAL A 344 2.73 -12.12 2.05
CA VAL A 344 2.76 -11.36 3.28
C VAL A 344 3.00 -9.89 2.92
N HIS A 345 2.61 -9.00 3.84
CA HIS A 345 2.75 -7.56 3.65
C HIS A 345 3.00 -6.96 5.03
N LYS A 346 3.90 -6.01 5.09
CA LYS A 346 4.10 -5.26 6.32
C LYS A 346 4.21 -3.79 5.92
N ALA A 347 3.67 -2.91 6.77
CA ALA A 347 3.68 -1.49 6.47
C ALA A 347 3.79 -0.72 7.79
N VAL A 348 4.43 0.45 7.72
CA VAL A 348 4.64 1.36 8.85
CA VAL A 348 4.62 1.35 8.86
C VAL A 348 4.33 2.77 8.39
N LEU A 349 3.71 3.55 9.28
CA LEU A 349 3.30 4.91 8.99
C LEU A 349 3.68 5.75 10.20
N ASP A 350 4.45 6.81 9.95
CA ASP A 350 4.90 7.77 10.97
C ASP A 350 4.45 9.16 10.56
N VAL A 351 3.66 9.80 11.41
CA VAL A 351 3.14 11.13 11.12
C VAL A 351 3.62 12.04 12.25
N PHE A 352 4.24 13.17 11.89
CA PHE A 352 4.89 14.02 12.89
C PHE A 352 4.95 15.44 12.32
N GLU A 353 5.56 16.36 13.10
CA GLU A 353 5.35 17.79 12.81
C GLU A 353 5.95 18.22 11.48
N GLU A 354 7.11 17.63 11.11
CA GLU A 354 7.82 18.02 9.89
C GLU A 354 7.25 17.36 8.64
N GLY A 355 6.61 16.20 8.79
CA GLY A 355 6.16 15.49 7.58
C GLY A 355 5.63 14.10 7.89
N THR A 356 5.91 13.17 6.99
CA THR A 356 5.41 11.80 7.09
C THR A 356 6.49 10.88 6.55
N GLU A 357 6.64 9.73 7.18
CA GLU A 357 7.49 8.69 6.65
C GLU A 357 6.64 7.42 6.65
N ALA A 358 6.65 6.71 5.55
CA ALA A 358 5.85 5.49 5.47
C ALA A 358 6.60 4.53 4.56
N SER A 359 6.53 3.25 4.88
CA SER A 359 7.23 2.24 4.11
C SER A 359 6.43 0.97 4.18
N ALA A 360 6.60 0.13 3.17
CA ALA A 360 5.90 -1.15 3.21
C ALA A 360 6.65 -2.12 2.31
N ALA A 361 6.31 -3.39 2.48
CA ALA A 361 6.90 -4.39 1.59
C ALA A 361 5.99 -5.60 1.51
N THR A 362 6.10 -6.30 0.38
CA THR A 362 5.23 -7.42 0.07
C THR A 362 6.13 -8.54 -0.39
N ALA A 363 5.86 -9.78 0.08
CA ALA A 363 6.64 -10.94 -0.35
C ALA A 363 5.71 -12.05 -0.79
N VAL A 364 6.02 -12.67 -1.92
CA VAL A 364 5.31 -13.83 -2.45
C VAL A 364 6.24 -15.01 -2.30
N LYS A 365 5.90 -15.98 -1.43
CA LYS A 365 6.73 -17.15 -1.22
C LYS A 365 6.20 -18.27 -2.11
N ILE A 366 7.11 -18.98 -2.75
CA ILE A 366 6.77 -19.94 -3.79
C ILE A 366 7.53 -21.23 -3.51
N THR A 367 6.83 -22.37 -3.59
CA THR A 367 7.46 -23.65 -3.36
C THR A 367 7.38 -24.48 -4.61
N LEU A 368 8.03 -25.63 -4.55
CA LEU A 368 7.79 -26.66 -5.54
C LEU A 368 6.35 -27.15 -5.46
N LEU A 369 5.89 -27.68 -6.59
CA LEU A 369 4.56 -28.22 -6.72
C LEU A 369 4.71 -29.64 -7.24
N ARG B 7 -14.87 30.62 12.76
CA ARG B 7 -13.65 29.85 12.48
C ARG B 7 -13.91 28.32 12.48
N THR B 8 -13.81 27.69 11.31
CA THR B 8 -13.92 26.24 11.22
C THR B 8 -12.80 25.54 11.99
N ILE B 9 -13.15 24.49 12.72
CA ILE B 9 -12.18 23.68 13.45
C ILE B 9 -12.26 22.27 12.90
N VAL B 10 -11.10 21.67 12.62
CA VAL B 10 -11.02 20.29 12.15
C VAL B 10 -10.16 19.55 13.16
N ARG B 11 -10.78 18.68 13.95
CA ARG B 11 -10.12 18.04 15.08
C ARG B 11 -10.11 16.51 14.89
N PHE B 12 -8.94 15.96 14.59
CA PHE B 12 -8.82 14.51 14.39
C PHE B 12 -8.58 13.82 15.73
N ASN B 13 -9.62 13.81 16.54
CA ASN B 13 -9.51 13.21 17.87
C ASN B 13 -10.44 12.00 18.00
N ARG B 14 -10.67 11.32 16.88
CA ARG B 14 -11.44 10.08 16.82
C ARG B 14 -11.03 9.38 15.53
N PRO B 15 -11.40 8.12 15.34
CA PRO B 15 -10.86 7.35 14.21
C PRO B 15 -11.04 8.06 12.87
N PHE B 16 -10.01 7.96 12.05
CA PHE B 16 -10.03 8.68 10.78
C PHE B 16 -9.23 7.86 9.77
N LEU B 17 -9.41 8.20 8.51
CA LEU B 17 -8.71 7.54 7.42
C LEU B 17 -7.68 8.48 6.83
N MET B 18 -6.60 7.91 6.32
CA MET B 18 -5.54 8.66 5.66
CA MET B 18 -5.56 8.66 5.64
C MET B 18 -5.25 7.94 4.35
N ILE B 19 -5.25 8.67 3.24
CA ILE B 19 -4.99 8.10 1.93
C ILE B 19 -3.90 8.92 1.28
N ILE B 20 -2.70 8.35 1.17
CA ILE B 20 -1.55 9.09 0.62
C ILE B 20 -1.52 8.83 -0.87
N VAL B 21 -1.60 9.91 -1.68
CA VAL B 21 -1.82 9.77 -3.12
C VAL B 21 -0.74 10.50 -3.89
N ASP B 22 -0.48 10.00 -5.10
CA ASP B 22 0.49 10.63 -6.00
C ASP B 22 -0.29 11.39 -7.08
N HIS B 23 0.03 12.68 -7.25
CA HIS B 23 -0.70 13.45 -8.28
C HIS B 23 -0.29 13.07 -9.69
N PHE B 24 0.95 12.60 -9.89
CA PHE B 24 1.44 12.21 -11.22
C PHE B 24 0.72 10.97 -11.75
N THR B 25 0.83 9.86 -11.00
CA THR B 25 0.34 8.55 -11.43
C THR B 25 -1.04 8.20 -10.90
N TRP B 26 -1.59 8.99 -9.97
CA TRP B 26 -2.84 8.64 -9.31
C TRP B 26 -2.74 7.34 -8.52
N SER B 27 -1.51 6.98 -8.10
CA SER B 27 -1.30 5.82 -7.26
C SER B 27 -1.73 6.16 -5.84
N ILE B 28 -2.30 5.15 -5.16
CA ILE B 28 -2.46 5.22 -3.71
C ILE B 28 -1.22 4.57 -3.11
N PHE B 29 -0.34 5.39 -2.53
CA PHE B 29 0.90 4.86 -1.97
C PHE B 29 0.60 4.10 -0.69
N PHE B 30 -0.26 4.68 0.16
CA PHE B 30 -0.58 4.12 1.46
C PHE B 30 -2.02 4.43 1.78
N MET B 31 -2.64 3.47 2.43
CA MET B 31 -3.99 3.67 2.92
C MET B 31 -4.03 3.25 4.37
N SER B 32 -4.70 4.03 5.22
CA SER B 32 -4.60 3.79 6.66
C SER B 32 -5.92 4.14 7.34
N LYS B 33 -6.23 3.40 8.40
CA LYS B 33 -7.29 3.74 9.32
C LYS B 33 -6.63 3.80 10.68
N VAL B 34 -6.73 4.94 11.33
CA VAL B 34 -6.21 5.13 12.68
C VAL B 34 -7.41 5.04 13.61
N THR B 35 -7.59 3.86 14.20
CA THR B 35 -8.62 3.68 15.21
C THR B 35 -8.05 3.94 16.59
N ASN B 36 -6.73 3.77 16.75
CA ASN B 36 -6.10 3.99 18.04
C ASN B 36 -4.63 4.29 17.80
N PRO B 37 -4.19 5.57 17.90
CA PRO B 37 -2.77 5.87 17.62
C PRO B 37 -1.80 5.14 18.54
N LYS B 38 -2.27 4.65 19.69
CA LYS B 38 -1.45 3.93 20.65
C LYS B 38 -1.74 2.43 20.67
N GLN B 39 -2.38 1.88 19.64
CA GLN B 39 -2.77 0.47 19.70
C GLN B 39 -1.55 -0.43 19.65
N ALA B 40 -1.58 -1.48 20.47
CA ALA B 40 -0.55 -2.51 20.45
C ALA B 40 -0.45 -3.16 19.07
C1 HCY C . -9.66 9.19 -10.47
C2 HCY C . -10.06 7.83 -11.08
C3 HCY C . -8.89 6.90 -11.04
C4 HCY C . -8.11 6.93 -9.79
C5 HCY C . -7.97 8.02 -9.04
C6 HCY C . -7.14 7.92 -7.79
C7 HCY C . -6.45 9.20 -7.38
C8 HCY C . -7.34 10.40 -7.52
C9 HCY C . -8.09 10.45 -8.87
C10 HCY C . -8.94 9.14 -9.10
C12 HCY C . -7.98 13.05 -8.79
C11 HCY C . -8.86 11.78 -9.11
C13 HCY C . -7.21 12.93 -7.47
C14 HCY C . -6.44 11.62 -7.45
C15 HCY C . -5.59 11.74 -6.16
C16 HCY C . -5.08 13.23 -6.22
C17 HCY C . -5.99 13.97 -7.24
C18 HCY C . -8.17 13.08 -6.26
C19 HCY C . -10.02 8.89 -7.97
C20 HCY C . -6.52 15.30 -6.75
C21 HCY C . -6.91 16.32 -7.82
O1 HCY C . -8.60 6.17 -11.98
O2 HCY C . -10.03 11.80 -8.40
O3 HCY C . -5.32 14.22 -8.41
O4 HCY C . -6.62 15.58 -5.58
O5 HCY C . -6.27 17.52 -7.43
C1 EDO D . -21.04 7.98 -3.56
O1 EDO D . -19.93 8.37 -2.72
C2 EDO D . -20.48 7.67 -4.92
O2 EDO D . -19.74 8.82 -5.33
C1 EDO E . -1.31 21.46 4.61
O1 EDO E . -1.22 21.30 3.19
C2 EDO E . -0.12 20.83 5.35
O2 EDO E . 1.02 20.69 4.49
C1 EDO F . 12.00 -0.95 -14.98
O1 EDO F . 10.77 -0.65 -14.33
C2 EDO F . 13.02 -0.06 -14.30
O2 EDO F . 12.65 -0.02 -12.91
C1 EDO G . -24.24 4.05 13.25
O1 EDO G . -24.11 2.70 12.77
C2 EDO G . -24.96 4.08 14.60
O2 EDO G . -24.95 5.41 15.16
C1 EDO H . 5.86 10.54 -9.04
O1 EDO H . 5.22 11.82 -8.91
C2 EDO H . 6.86 10.39 -7.90
O2 EDO H . 6.19 10.77 -6.69
#